data_6Z6Y
#
_entry.id   6Z6Y
#
_cell.length_a   110.640
_cell.length_b   40.066
_cell.length_c   40.701
_cell.angle_alpha   90.000
_cell.angle_beta   99.803
_cell.angle_gamma   90.000
#
_symmetry.space_group_name_H-M   'C 1 2 1'
#
loop_
_entity.id
_entity.type
_entity.pdbx_description
1 polymer Galectin-8
2 non-polymer '[(2~{R},3~{R},4~{S},5~{S},6~{R})-2-[(2~{S})-2-acetamido-3-oxidanylidene-pent-4-enoxy]-6-(hydroxymethyl)-3,5-bis(oxidanyl)oxan-4-yl] hydrogen sulfate'
3 non-polymer 'ACETATE ION'
4 non-polymer 'TRIETHYLENE GLYCOL'
5 water water
#
_entity_poly.entity_id   1
_entity_poly.type   'polypeptide(L)'
_entity_poly.pdbx_seq_one_letter_code
;LNNLQNIIYNPVIPFVGTIPDQLDPGTLIVIRGHVPSDADRFQVDLQNGSSMKPRADVAFHFNPRFKRAGCIVCNTLINE
KWGREEITYDTPFKREKSFEIVIMVLKDKFQVAVNGKHTLLYGHRIGPEKIDTLGIYGKVNIHSIGFSFSSDLQST
;
_entity_poly.pdbx_strand_id   A
#
loop_
_chem_comp.id
_chem_comp.type
_chem_comp.name
_chem_comp.formula
ACT non-polymer 'ACETATE ION' 'C2 H3 O2 -1'
L4L non-polymer '[(2~{R},3~{R},4~{S},5~{S},6~{R})-2-[(2~{S})-2-acetamido-3-oxidanylidene-pent-4-enoxy]-6-(hydroxymethyl)-3,5-bis(oxidanyl)oxan-4-yl] hydrogen sulfate' 'C13 H21 N O11 S'
PGE non-polymer 'TRIETHYLENE GLYCOL' 'C6 H14 O4'
#
# COMPACT_ATOMS: atom_id res chain seq x y z
N LEU A 1 -1.67 -17.48 -0.52
CA LEU A 1 -1.68 -18.88 -0.91
C LEU A 1 -2.87 -19.22 -1.81
N ASN A 2 -3.91 -18.38 -1.79
CA ASN A 2 -4.94 -18.48 -2.81
C ASN A 2 -4.42 -17.95 -4.13
N ASN A 3 -5.10 -18.31 -5.21
CA ASN A 3 -4.77 -17.73 -6.51
C ASN A 3 -5.05 -16.24 -6.51
N LEU A 4 -4.14 -15.49 -7.10
CA LEU A 4 -4.31 -14.05 -7.24
C LEU A 4 -5.55 -13.75 -8.08
N GLN A 5 -6.33 -12.76 -7.65
CA GLN A 5 -7.43 -12.24 -8.47
C GLN A 5 -7.16 -10.76 -8.73
N ASN A 6 -6.77 -10.45 -9.97
CA ASN A 6 -6.49 -9.08 -10.36
C ASN A 6 -7.77 -8.34 -10.69
N ILE A 7 -7.84 -7.08 -10.24
CA ILE A 7 -8.96 -6.22 -10.61
C ILE A 7 -8.61 -5.36 -11.83
N ILE A 8 -7.33 -5.06 -12.03
CA ILE A 8 -6.95 -4.13 -13.08
C ILE A 8 -5.50 -4.39 -13.47
N TYR A 9 -5.26 -4.31 -14.77
CA TYR A 9 -3.94 -4.23 -15.33
C TYR A 9 -3.69 -2.80 -15.80
N ASN A 10 -2.43 -2.41 -15.77
CA ASN A 10 -1.97 -1.16 -16.34
C ASN A 10 -2.89 0.01 -16.04
N PRO A 11 -3.26 0.22 -14.78
CA PRO A 11 -4.12 1.36 -14.47
C PRO A 11 -3.41 2.67 -14.73
N VAL A 12 -4.17 3.67 -15.17
CA VAL A 12 -3.63 5.00 -15.27
C VAL A 12 -3.37 5.53 -13.86
N ILE A 13 -2.24 6.21 -13.68
CA ILE A 13 -1.85 6.81 -12.41
C ILE A 13 -2.04 8.32 -12.53
N PRO A 14 -2.70 8.97 -11.57
CA PRO A 14 -3.17 8.42 -10.29
C PRO A 14 -4.34 7.46 -10.47
N PHE A 15 -4.31 6.37 -9.70
CA PHE A 15 -5.38 5.37 -9.66
C PHE A 15 -6.14 5.48 -8.36
N VAL A 16 -7.46 5.42 -8.43
CA VAL A 16 -8.32 5.29 -7.27
C VAL A 16 -9.37 4.26 -7.59
N GLY A 17 -9.57 3.30 -6.73
CA GLY A 17 -10.53 2.25 -6.98
C GLY A 17 -11.10 1.68 -5.71
N THR A 18 -12.29 1.17 -5.80
CA THR A 18 -12.96 0.56 -4.67
C THR A 18 -12.41 -0.85 -4.47
N ILE A 19 -12.17 -1.20 -3.22
CA ILE A 19 -11.70 -2.54 -2.87
C ILE A 19 -12.90 -3.48 -2.84
N PRO A 20 -12.84 -4.61 -3.53
CA PRO A 20 -14.03 -5.48 -3.59
C PRO A 20 -14.56 -5.86 -2.23
N ASP A 21 -13.68 -6.31 -1.34
CA ASP A 21 -14.10 -6.96 -0.11
C ASP A 21 -13.41 -6.31 1.08
N GLN A 22 -14.05 -6.45 2.24
CA GLN A 22 -13.48 -5.93 3.47
C GLN A 22 -12.11 -6.57 3.75
N LEU A 23 -11.17 -5.75 4.22
CA LEU A 23 -9.81 -6.20 4.47
C LEU A 23 -9.73 -6.94 5.81
N ASP A 24 -10.24 -8.16 5.80
CA ASP A 24 -10.19 -9.00 6.98
C ASP A 24 -8.80 -9.60 7.17
N PRO A 25 -8.46 -9.99 8.39
CA PRO A 25 -7.14 -10.60 8.62
C PRO A 25 -6.89 -11.78 7.69
N GLY A 26 -5.70 -11.79 7.12
CA GLY A 26 -5.33 -12.75 6.10
C GLY A 26 -5.45 -12.23 4.69
N THR A 27 -6.10 -11.09 4.48
CA THR A 27 -6.20 -10.56 3.13
C THR A 27 -4.84 -10.07 2.65
N LEU A 28 -4.55 -10.33 1.38
CA LEU A 28 -3.33 -9.91 0.71
C LEU A 28 -3.70 -8.94 -0.40
N ILE A 29 -3.00 -7.81 -0.48
CA ILE A 29 -3.09 -6.90 -1.61
C ILE A 29 -1.77 -7.02 -2.37
N VAL A 30 -1.85 -7.33 -3.68
CA VAL A 30 -0.68 -7.64 -4.47
C VAL A 30 -0.58 -6.61 -5.59
N ILE A 31 0.52 -5.85 -5.60
CA ILE A 31 0.70 -4.75 -6.55
C ILE A 31 2.04 -4.95 -7.24
N ARG A 32 2.00 -5.09 -8.58
CA ARG A 32 3.19 -5.26 -9.39
C ARG A 32 3.42 -4.01 -10.22
N GLY A 33 4.67 -3.58 -10.29
CA GLY A 33 4.98 -2.37 -11.03
C GLY A 33 6.47 -2.15 -11.18
N HIS A 34 6.82 -0.93 -11.57
CA HIS A 34 8.18 -0.56 -11.96
C HIS A 34 8.35 0.90 -11.56
N VAL A 35 9.54 1.26 -11.07
CA VAL A 35 9.85 2.63 -10.69
C VAL A 35 10.52 3.31 -11.88
N PRO A 36 9.93 4.37 -12.44
CA PRO A 36 10.58 5.08 -13.55
C PRO A 36 11.91 5.70 -13.14
N SER A 37 12.74 5.96 -14.16
CA SER A 37 14.09 6.44 -13.90
C SER A 37 14.12 7.79 -13.23
N ASP A 38 13.05 8.58 -13.36
CA ASP A 38 13.00 9.93 -12.81
C ASP A 38 12.08 10.04 -11.60
N ALA A 39 11.70 8.91 -11.00
CA ALA A 39 10.77 8.96 -9.89
C ALA A 39 11.41 9.60 -8.68
N ASP A 40 10.66 10.50 -8.03
CA ASP A 40 11.01 11.02 -6.72
C ASP A 40 10.29 10.31 -5.59
C ASP A 40 10.30 10.30 -5.59
N ARG A 41 9.05 9.89 -5.81
CA ARG A 41 8.29 9.16 -4.81
C ARG A 41 7.01 8.63 -5.46
N PHE A 42 6.44 7.62 -4.82
CA PHE A 42 5.07 7.20 -5.11
C PHE A 42 4.46 6.74 -3.80
N GLN A 43 3.16 6.48 -3.84
CA GLN A 43 2.51 5.98 -2.64
C GLN A 43 1.35 5.06 -2.97
N VAL A 44 1.11 4.14 -2.05
CA VAL A 44 -0.06 3.29 -2.01
C VAL A 44 -0.82 3.69 -0.75
N ASP A 45 -2.07 4.11 -0.91
CA ASP A 45 -2.89 4.60 0.18
C ASP A 45 -4.12 3.71 0.33
N LEU A 46 -4.36 3.25 1.55
CA LEU A 46 -5.59 2.55 1.89
C LEU A 46 -6.51 3.54 2.60
N GLN A 47 -7.61 3.90 1.93
CA GLN A 47 -8.39 5.08 2.25
C GLN A 47 -9.79 4.71 2.73
N ASN A 48 -10.36 5.59 3.55
CA ASN A 48 -11.78 5.54 3.92
C ASN A 48 -12.49 6.47 2.93
N GLY A 49 -12.90 5.91 1.81
CA GLY A 49 -13.54 6.68 0.77
C GLY A 49 -12.58 7.27 -0.23
N SER A 50 -13.16 8.04 -1.18
CA SER A 50 -12.40 8.58 -2.30
C SER A 50 -12.51 10.09 -2.44
N SER A 51 -13.12 10.76 -1.50
CA SER A 51 -13.27 12.19 -1.64
C SER A 51 -11.90 12.84 -1.72
N MET A 52 -11.79 13.88 -2.55
CA MET A 52 -10.59 14.69 -2.63
C MET A 52 -10.69 15.95 -1.79
N LYS A 53 -11.90 16.34 -1.37
CA LYS A 53 -12.13 17.61 -0.68
C LYS A 53 -13.45 17.53 0.09
N PRO A 54 -13.42 17.41 1.44
CA PRO A 54 -12.24 17.20 2.29
C PRO A 54 -11.59 15.87 1.92
N ARG A 55 -10.26 15.85 1.93
CA ARG A 55 -9.52 14.68 1.50
C ARG A 55 -9.84 13.48 2.39
N ALA A 56 -10.09 12.34 1.74
CA ALA A 56 -10.44 11.12 2.46
C ALA A 56 -9.34 10.72 3.44
N ASP A 57 -9.76 10.23 4.60
CA ASP A 57 -8.78 9.70 5.55
C ASP A 57 -7.99 8.55 4.92
N VAL A 58 -6.72 8.46 5.31
CA VAL A 58 -5.85 7.41 4.83
C VAL A 58 -5.44 6.57 6.05
N ALA A 59 -5.97 5.34 6.13
CA ALA A 59 -5.62 4.46 7.24
C ALA A 59 -4.15 4.07 7.16
N PHE A 60 -3.65 3.82 5.96
CA PHE A 60 -2.29 3.34 5.75
C PHE A 60 -1.76 3.98 4.48
N HIS A 61 -0.79 4.87 4.66
CA HIS A 61 -0.03 5.52 3.61
C HIS A 61 1.32 4.85 3.56
N PHE A 62 1.65 4.25 2.44
CA PHE A 62 2.88 3.50 2.21
C PHE A 62 3.59 4.25 1.08
N ASN A 63 4.69 4.94 1.42
CA ASN A 63 5.23 6.01 0.58
C ASN A 63 6.74 5.85 0.35
N PRO A 64 7.15 5.06 -0.65
CA PRO A 64 8.58 5.02 -1.04
C PRO A 64 9.04 6.36 -1.60
N ARG A 65 10.20 6.81 -1.11
CA ARG A 65 10.84 8.04 -1.53
C ARG A 65 12.26 7.73 -2.01
N PHE A 66 12.68 8.34 -3.11
CA PHE A 66 13.92 7.94 -3.78
C PHE A 66 15.05 8.95 -3.69
N LYS A 67 14.81 10.14 -3.15
CA LYS A 67 15.89 11.09 -3.00
C LYS A 67 16.84 10.68 -1.88
N ARG A 68 18.04 11.25 -1.91
CA ARG A 68 19.05 11.02 -0.88
C ARG A 68 19.30 9.52 -0.79
N ALA A 69 19.23 8.90 0.39
CA ALA A 69 19.51 7.47 0.51
C ALA A 69 18.30 6.60 0.19
N GLY A 70 17.13 7.18 0.01
CA GLY A 70 15.92 6.40 -0.15
C GLY A 70 15.34 5.97 1.18
N CYS A 71 14.03 5.86 1.25
CA CYS A 71 13.33 5.41 2.44
C CYS A 71 11.90 5.07 2.05
N ILE A 72 11.15 4.53 3.01
CA ILE A 72 9.70 4.38 2.90
C ILE A 72 9.11 5.06 4.12
N VAL A 73 8.21 6.02 3.88
CA VAL A 73 7.47 6.71 4.94
C VAL A 73 6.09 6.07 5.02
N CYS A 74 5.66 5.72 6.23
CA CYS A 74 4.31 5.25 6.48
C CYS A 74 3.64 6.17 7.48
N ASN A 75 2.34 6.38 7.30
CA ASN A 75 1.63 7.32 8.15
C ASN A 75 0.13 7.07 7.97
N THR A 76 -0.66 7.86 8.72
CA THR A 76 -2.12 7.86 8.68
C THR A 76 -2.59 9.31 8.64
N LEU A 77 -3.56 9.58 7.77
CA LEU A 77 -4.15 10.90 7.59
C LEU A 77 -5.57 10.85 8.15
N ILE A 78 -5.85 11.77 9.07
CA ILE A 78 -7.17 11.88 9.70
CA ILE A 78 -7.17 11.88 9.70
C ILE A 78 -7.60 13.35 9.61
N ASN A 79 -8.73 13.60 8.96
CA ASN A 79 -9.28 14.96 8.86
C ASN A 79 -8.21 15.92 8.37
N GLU A 80 -7.54 15.50 7.29
CA GLU A 80 -6.61 16.29 6.51
C GLU A 80 -5.37 16.68 7.27
N LYS A 81 -5.04 15.95 8.35
CA LYS A 81 -3.83 16.16 9.12
C LYS A 81 -3.09 14.83 9.26
N TRP A 82 -1.81 14.85 8.94
CA TRP A 82 -0.99 13.66 9.04
C TRP A 82 -0.56 13.44 10.48
N GLY A 83 -0.41 12.18 10.86
CA GLY A 83 0.04 11.80 12.17
C GLY A 83 1.55 11.69 12.19
N ARG A 84 2.04 10.90 13.14
CA ARG A 84 3.48 10.71 13.28
C ARG A 84 3.97 9.69 12.23
N GLU A 85 4.98 10.08 11.45
CA GLU A 85 5.57 9.21 10.44
C GLU A 85 6.37 8.07 11.05
N GLU A 86 6.31 6.90 10.42
CA GLU A 86 7.20 5.77 10.70
C GLU A 86 8.06 5.55 9.47
N ILE A 87 9.36 5.75 9.61
CA ILE A 87 10.27 5.77 8.47
C ILE A 87 11.09 4.49 8.49
N THR A 88 11.08 3.79 7.37
CA THR A 88 11.90 2.59 7.16
C THR A 88 13.01 2.96 6.21
N TYR A 89 14.25 2.87 6.67
CA TYR A 89 15.40 3.25 5.86
C TYR A 89 15.96 2.09 5.05
N ASP A 90 15.64 0.85 5.44
CA ASP A 90 16.09 -0.32 4.69
C ASP A 90 15.04 -0.55 3.61
N THR A 91 15.19 0.18 2.49
CA THR A 91 14.19 0.11 1.43
C THR A 91 14.67 -0.73 0.26
N PRO A 92 13.80 -1.58 -0.28
CA PRO A 92 14.14 -2.40 -1.45
C PRO A 92 13.86 -1.73 -2.79
N PHE A 93 13.26 -0.54 -2.81
CA PHE A 93 12.86 0.07 -4.07
C PHE A 93 14.01 0.86 -4.66
N LYS A 94 14.13 0.81 -5.98
CA LYS A 94 15.15 1.56 -6.70
C LYS A 94 14.58 2.04 -8.02
N ARG A 95 15.00 3.23 -8.43
CA ARG A 95 14.65 3.69 -9.77
C ARG A 95 15.10 2.66 -10.79
N GLU A 96 14.24 2.40 -11.77
CA GLU A 96 14.47 1.52 -12.91
C GLU A 96 14.40 0.05 -12.52
N LYS A 97 13.88 -0.29 -11.33
CA LYS A 97 13.68 -1.68 -10.97
C LYS A 97 12.20 -1.97 -10.74
N SER A 98 11.82 -3.21 -11.06
CA SER A 98 10.45 -3.66 -10.92
C SER A 98 10.26 -4.30 -9.55
N PHE A 99 8.98 -4.38 -9.15
CA PHE A 99 8.67 -4.84 -7.80
C PHE A 99 7.34 -5.59 -7.77
N GLU A 100 7.20 -6.43 -6.73
CA GLU A 100 5.93 -7.02 -6.30
C GLU A 100 5.73 -6.67 -4.84
N ILE A 101 4.78 -5.77 -4.55
CA ILE A 101 4.42 -5.44 -3.18
C ILE A 101 3.31 -6.38 -2.74
N VAL A 102 3.47 -6.97 -1.55
CA VAL A 102 2.38 -7.72 -0.94
C VAL A 102 2.10 -7.07 0.39
N ILE A 103 0.92 -6.47 0.51
CA ILE A 103 0.45 -5.95 1.80
C ILE A 103 -0.43 -7.02 2.43
N MET A 104 -0.01 -7.54 3.57
CA MET A 104 -0.82 -8.51 4.30
CA MET A 104 -0.80 -8.52 4.33
C MET A 104 -1.49 -7.81 5.47
N VAL A 105 -2.82 -7.98 5.56
CA VAL A 105 -3.60 -7.37 6.61
C VAL A 105 -3.69 -8.39 7.73
N LEU A 106 -3.16 -8.04 8.88
CA LEU A 106 -3.24 -8.90 10.04
C LEU A 106 -4.17 -8.28 11.08
N LYS A 107 -4.40 -9.03 12.16
CA LYS A 107 -5.26 -8.57 13.25
C LYS A 107 -4.79 -7.22 13.79
N ASP A 108 -3.48 -7.07 14.00
CA ASP A 108 -2.94 -5.93 14.74
C ASP A 108 -2.15 -4.95 13.88
N LYS A 109 -1.84 -5.31 12.63
CA LYS A 109 -0.93 -4.48 11.85
C LYS A 109 -1.03 -4.92 10.39
N PHE A 110 -0.46 -4.09 9.53
CA PHE A 110 -0.11 -4.47 8.16
C PHE A 110 1.31 -4.99 8.19
N GLN A 111 1.56 -6.05 7.40
CA GLN A 111 2.88 -6.58 7.18
C GLN A 111 3.14 -6.52 5.69
N VAL A 112 4.20 -5.83 5.28
CA VAL A 112 4.47 -5.57 3.88
C VAL A 112 5.76 -6.27 3.48
N ALA A 113 5.70 -7.03 2.40
CA ALA A 113 6.84 -7.66 1.77
C ALA A 113 6.98 -7.10 0.37
N VAL A 114 8.23 -7.00 -0.09
CA VAL A 114 8.53 -6.58 -1.45
C VAL A 114 9.45 -7.61 -2.08
N ASN A 115 9.09 -8.10 -3.26
CA ASN A 115 9.86 -9.15 -3.95
C ASN A 115 10.08 -10.34 -3.03
N GLY A 116 9.12 -10.54 -2.11
CA GLY A 116 9.10 -11.68 -1.23
C GLY A 116 9.94 -11.54 0.02
N LYS A 117 10.51 -10.37 0.26
CA LYS A 117 11.29 -10.15 1.48
C LYS A 117 10.53 -9.18 2.36
N HIS A 118 10.37 -9.55 3.61
CA HIS A 118 9.76 -8.67 4.58
C HIS A 118 10.40 -7.29 4.54
N THR A 119 9.57 -6.26 4.56
CA THR A 119 10.03 -4.88 4.47
C THR A 119 9.65 -4.06 5.69
N LEU A 120 8.41 -4.13 6.14
CA LEU A 120 8.03 -3.33 7.31
C LEU A 120 6.70 -3.82 7.89
N LEU A 121 6.48 -3.41 9.15
CA LEU A 121 5.20 -3.56 9.82
C LEU A 121 4.65 -2.17 10.10
N TYR A 122 3.32 -2.04 10.08
CA TYR A 122 2.64 -0.81 10.49
C TYR A 122 1.42 -1.15 11.33
N GLY A 123 1.46 -0.83 12.62
CA GLY A 123 0.31 -1.09 13.47
C GLY A 123 -0.93 -0.35 13.01
N HIS A 124 -2.09 -0.99 13.13
CA HIS A 124 -3.33 -0.27 12.80
C HIS A 124 -3.51 0.91 13.73
N ARG A 125 -3.86 2.05 13.15
CA ARG A 125 -4.27 3.23 13.89
C ARG A 125 -5.75 3.48 13.84
N ILE A 126 -6.42 3.12 12.76
CA ILE A 126 -7.86 3.05 12.68
C ILE A 126 -8.19 1.64 12.20
N GLY A 127 -9.41 1.19 12.50
CA GLY A 127 -9.80 -0.16 12.15
C GLY A 127 -9.74 -0.39 10.66
N PRO A 128 -9.18 -1.53 10.22
CA PRO A 128 -9.09 -1.76 8.77
C PRO A 128 -10.44 -1.95 8.12
N GLU A 129 -11.49 -2.20 8.89
CA GLU A 129 -12.83 -2.25 8.32
C GLU A 129 -13.27 -0.90 7.76
N LYS A 130 -12.60 0.20 8.14
CA LYS A 130 -12.92 1.52 7.61
C LYS A 130 -12.35 1.75 6.21
N ILE A 131 -11.57 0.82 5.69
CA ILE A 131 -10.92 0.99 4.40
C ILE A 131 -11.83 0.41 3.33
N ASP A 132 -12.12 1.21 2.31
CA ASP A 132 -12.88 0.73 1.17
C ASP A 132 -12.27 1.13 -0.17
N THR A 133 -11.12 1.83 -0.16
CA THR A 133 -10.59 2.44 -1.36
C THR A 133 -9.08 2.33 -1.38
N LEU A 134 -8.56 1.99 -2.56
CA LEU A 134 -7.13 1.94 -2.81
C LEU A 134 -6.75 3.07 -3.76
N GLY A 135 -5.76 3.84 -3.35
CA GLY A 135 -5.20 4.88 -4.19
C GLY A 135 -3.73 4.59 -4.46
N ILE A 136 -3.29 4.87 -5.68
CA ILE A 136 -1.88 4.85 -6.02
C ILE A 136 -1.55 6.16 -6.73
N TYR A 137 -0.57 6.90 -6.19
CA TYR A 137 -0.24 8.22 -6.68
C TYR A 137 1.27 8.34 -6.84
N GLY A 138 1.68 9.32 -7.63
CA GLY A 138 3.07 9.63 -7.82
C GLY A 138 3.67 9.03 -9.07
N LYS A 139 4.99 8.88 -9.05
CA LYS A 139 5.75 8.48 -10.23
C LYS A 139 6.06 6.99 -10.13
N VAL A 140 5.21 6.20 -10.74
CA VAL A 140 5.26 4.74 -10.67
C VAL A 140 4.47 4.20 -11.85
N ASN A 141 4.94 3.09 -12.39
CA ASN A 141 4.21 2.34 -13.42
C ASN A 141 3.64 1.12 -12.73
N ILE A 142 2.31 0.95 -12.77
CA ILE A 142 1.65 -0.18 -12.15
C ILE A 142 1.21 -1.15 -13.24
N HIS A 143 1.63 -2.39 -13.11
CA HIS A 143 1.29 -3.44 -14.06
C HIS A 143 0.01 -4.16 -13.67
N SER A 144 -0.18 -4.42 -12.38
CA SER A 144 -1.41 -5.07 -11.95
C SER A 144 -1.66 -4.79 -10.47
N ILE A 145 -2.93 -4.85 -10.13
CA ILE A 145 -3.40 -4.79 -8.75
C ILE A 145 -4.35 -5.95 -8.57
N GLY A 146 -4.13 -6.73 -7.51
CA GLY A 146 -4.94 -7.91 -7.27
C GLY A 146 -4.99 -8.21 -5.79
N PHE A 147 -5.84 -9.20 -5.46
CA PHE A 147 -6.09 -9.54 -4.07
C PHE A 147 -6.03 -11.04 -3.90
N SER A 148 -5.53 -11.48 -2.74
CA SER A 148 -5.47 -12.88 -2.41
C SER A 148 -5.80 -13.01 -0.93
N PHE A 149 -5.59 -14.19 -0.38
CA PHE A 149 -5.90 -14.45 1.01
C PHE A 149 -5.03 -15.61 1.48
N SER A 150 -4.59 -15.54 2.72
CA SER A 150 -3.81 -16.62 3.31
C SER A 150 -4.43 -17.00 4.64
N SER A 151 -4.89 -18.25 4.75
CA SER A 151 -5.37 -18.75 6.04
C SER A 151 -4.23 -19.08 6.99
N ASP A 152 -3.05 -19.39 6.45
CA ASP A 152 -1.89 -19.69 7.30
C ASP A 152 -1.58 -18.52 8.22
N LEU A 153 -1.25 -17.38 7.64
CA LEU A 153 -0.87 -16.19 8.40
C LEU A 153 -2.08 -15.40 8.88
N GLN A 154 -3.29 -15.91 8.62
CA GLN A 154 -4.51 -15.23 9.02
C GLN A 154 -4.51 -14.86 10.49
N SER A 155 -4.02 -15.73 11.36
CA SER A 155 -4.05 -15.50 12.80
C SER A 155 -2.69 -15.10 13.38
N THR A 156 -1.80 -14.57 12.56
CA THR A 156 -0.48 -14.14 13.02
C THR A 156 0.12 -13.10 12.08
C01 L4L B . 8.76 17.33 2.89
C02 L4L B . 7.66 17.52 3.64
C03 L4L B . 7.13 17.21 5.00
C04 L4L B . 5.69 17.71 5.20
C06 L4L B . 4.78 19.88 4.29
C07 L4L B . 5.08 20.60 5.62
C09 L4L B . 4.98 16.32 5.27
C11 L4L B . 3.93 15.01 3.78
C12 L4L B . 3.56 14.83 2.31
C14 L4L B . 2.44 13.85 2.22
C20 L4L B . 2.70 12.58 2.94
C22 L4L B . 3.09 12.84 4.40
C23 L4L B . 3.44 11.60 5.14
N05 L4L B . 5.09 18.46 4.12
O08 L4L B . 4.28 20.49 3.41
O10 L4L B . 5.00 15.83 3.91
O13 L4L B . 3.20 16.12 1.83
O15 L4L B . 2.26 13.64 0.79
O17 L4L B . -0.15 14.48 1.03
O18 L4L B . 0.17 12.15 0.43
O19 L4L B . 0.80 13.96 -1.16
O21 L4L B . 3.70 11.80 2.21
O24 L4L B . 3.73 11.88 6.50
O25 L4L B . 4.28 13.71 4.34
O26 L4L B . 7.63 16.45 5.73
S16 L4L B . 0.70 13.53 0.25
H1 L4L B . 9.15 16.88 3.66
H011 L4L B . 9.74 17.02 2.63
H2 L4L B . 6.94 16.76 3.36
H041 L4L B . 5.63 18.40 6.05
H071 L4L B . 6.15 20.52 5.84
H073 L4L B . 4.50 20.16 6.43
H072 L4L B . 4.82 21.66 5.53
H092 L4L B . 5.52 15.65 5.93
H091 L4L B . 3.96 16.45 5.62
H111 L4L B . 3.08 15.46 4.30
H121 L4L B . 4.38 14.49 1.67
H141 L4L B . 1.54 14.24 2.69
H201 L4L B . 1.80 11.95 2.95
H221 L4L B . 2.26 13.26 4.96
H231 L4L B . 2.60 10.91 5.08
H232 L4L B . 4.32 11.15 4.67
H051 L4L B . 4.87 17.99 3.25
H131 L4L B . 2.38 16.06 1.35
H211 L4L B . 4.05 11.12 2.75
H241 L4L B . 3.97 12.79 6.62
C ACT C . -11.64 2.04 14.73
O ACT C . -12.00 1.01 14.07
OXT ACT C . -10.85 2.98 14.39
CH3 ACT C . -12.27 2.21 16.13
H1 ACT C . -11.80 2.90 16.61
H2 ACT C . -12.19 1.37 16.61
H3 ACT C . -13.20 2.45 16.04
C ACT D . 15.00 0.61 9.36
O ACT D . 14.65 -0.13 8.40
OXT ACT D . 14.95 1.88 9.43
CH3 ACT D . 15.60 -0.06 10.61
H1 ACT D . 15.92 -0.94 10.38
H2 ACT D . 14.90 -0.15 11.29
H3 ACT D . 16.31 0.48 10.96
C ACT E . -14.05 5.51 -6.38
O ACT E . -15.29 5.38 -6.17
OXT ACT E . -13.10 4.78 -5.99
CH3 ACT E . -13.63 6.69 -7.26
H1 ACT E . -14.23 7.44 -7.10
H2 ACT E . -12.73 6.95 -7.05
H3 ACT E . -13.68 6.44 -8.20
C ACT F . -2.76 16.78 3.35
O ACT F . -3.80 16.26 2.84
OXT ACT F . -1.52 16.50 3.16
CH3 ACT F . -3.02 17.95 4.30
H1 ACT F . -2.85 17.66 5.21
H2 ACT F . -2.43 18.69 4.09
H3 ACT F . -3.95 18.22 4.22
C ACT G . -11.42 -6.61 10.20
O ACT G . -11.71 -7.82 10.02
OXT ACT G . -11.18 -5.71 9.35
CH3 ACT G . -11.37 -6.15 11.67
H1 ACT G . -10.47 -6.29 12.03
H2 ACT G . -11.60 -5.21 11.73
H3 ACT G . -12.00 -6.68 12.19
C ACT H . -12.15 13.88 6.39
O ACT H . -12.58 13.99 7.58
OXT ACT H . -11.45 14.70 5.72
CH3 ACT H . -12.51 12.60 5.64
H1 ACT H . -13.19 12.79 4.97
H2 ACT H . -12.84 11.94 6.26
H3 ACT H . -11.72 12.25 5.19
C1 PGE I . 2.06 12.51 -5.51
O1 PGE I . 3.45 12.85 -5.46
C2 PGE I . 1.23 13.52 -4.75
O2 PGE I . 0.22 12.85 -4.00
C3 PGE I . -1.09 13.36 -4.14
C4 PGE I . -2.05 12.58 -3.25
O4 PGE I . -6.65 13.08 -2.48
C6 PGE I . -5.76 12.43 -3.38
C5 PGE I . -4.38 12.24 -2.75
O3 PGE I . -3.40 12.94 -3.52
H1 PGE I . 1.71 12.49 -6.54
H12 PGE I . 1.88 11.52 -5.07
HO1 PGE I . 3.96 12.14 -5.89
H2 PGE I . 1.89 14.11 -4.09
H22 PGE I . 0.77 14.22 -5.47
H3 PGE I . -1.14 14.43 -3.85
H32 PGE I . -1.44 13.29 -5.19
H4 PGE I . -1.80 12.77 -2.19
H42 PGE I . -1.89 11.50 -3.44
HO4 PGE I . -7.53 13.05 -2.87
H6 PGE I . -5.63 13.00 -4.30
H62 PGE I . -6.13 11.42 -3.66
H5 PGE I . -4.15 11.16 -2.71
H52 PGE I . -4.41 12.62 -1.72
#